data_6DLP
#
_entry.id   6DLP
#
_cell.length_a   79.293
_cell.length_b   103.590
_cell.length_c   112.664
_cell.angle_alpha   90.00
_cell.angle_beta   90.00
_cell.angle_gamma   90.00
#
_symmetry.space_group_name_H-M   'P 21 21 21'
#
loop_
_entity.id
_entity.type
_entity.pdbx_description
1 polymer 'Leucine-rich repeat serine/threonine-protein kinase 2'
2 non-polymer 'PLATINUM (II) ION'
#
_entity_poly.entity_id   1
_entity_poly.type   'polypeptide(L)'
_entity_poly.pdbx_seq_one_letter_code
;GGSRRILLPKNVIVECMVATHHNSRNASIWLGCGHTDRGQLSFLDLNTEGYTSEEVADSRILCLALVHLPVEKESWIVSG
TQSGTLLVINTEDGKKRHTLEKMTDSVTCLYCNSFSKQSKQKNFLLVGTADGKLAIFEDKTVKLKGAAPLKILNIGNVST
PLMCLSESTNSTERNVMWGGCGTKIFSFSNDFTIQKLIETRTSQLFSYAAFSDSNIITVVVDTALYIAKQNSPVVEVWDK
KTEKLCGLIDCVHFLREVMVKENKESKHKMSYSGRVKTLCLQKNTALWIGTGGGHILLLDLSTRRLIRVIYNFCNSVRVM
MTAQLGSLKNVMLVLGYNRKNTEGTQKQKEIQSCLTVWDINLPHEVQNLEKHIEVRKELAEKMRRTSVE
;
_entity_poly.pdbx_strand_id   B,A
#
loop_
_chem_comp.id
_chem_comp.type
_chem_comp.name
_chem_comp.formula
PT non-polymer 'PLATINUM (II) ION' 'Pt 2'
#
# COMPACT_ATOMS: atom_id res chain seq x y z
N SER A 3 -30.98 -6.95 -12.07
CA SER A 3 -29.73 -7.02 -12.81
C SER A 3 -29.80 -8.09 -13.90
N ARG A 4 -29.46 -7.72 -15.13
CA ARG A 4 -29.47 -8.65 -16.24
C ARG A 4 -28.23 -8.42 -17.10
N ARG A 5 -27.74 -9.50 -17.70
CA ARG A 5 -26.56 -9.46 -18.54
C ARG A 5 -26.95 -9.56 -20.01
N ILE A 6 -26.30 -8.76 -20.84
CA ILE A 6 -26.45 -8.80 -22.29
C ILE A 6 -25.09 -9.19 -22.87
N LEU A 7 -25.05 -10.32 -23.56
CA LEU A 7 -23.81 -10.78 -24.18
C LEU A 7 -23.63 -10.13 -25.54
N LEU A 8 -22.52 -9.42 -25.72
CA LEU A 8 -22.20 -8.87 -27.02
C LEU A 8 -21.72 -9.98 -27.94
N PRO A 9 -21.75 -9.75 -29.27
CA PRO A 9 -21.24 -10.76 -30.19
C PRO A 9 -19.79 -11.14 -29.85
N LYS A 10 -19.43 -12.36 -30.20
CA LYS A 10 -18.14 -12.90 -29.79
C LYS A 10 -16.99 -12.11 -30.42
N ASN A 11 -15.96 -11.86 -29.61
CA ASN A 11 -14.74 -11.13 -29.95
C ASN A 11 -14.95 -9.63 -30.11
N VAL A 12 -16.14 -9.12 -29.80
CA VAL A 12 -16.36 -7.68 -29.85
C VAL A 12 -15.68 -7.04 -28.65
N ILE A 13 -14.88 -6.01 -28.91
CA ILE A 13 -14.18 -5.27 -27.87
C ILE A 13 -14.72 -3.84 -27.86
N VAL A 14 -15.04 -3.33 -26.68
CA VAL A 14 -15.68 -2.04 -26.51
C VAL A 14 -14.67 -1.09 -25.87
N GLU A 15 -14.22 -0.09 -26.63
CA GLU A 15 -13.30 0.91 -26.10
C GLU A 15 -14.05 1.97 -25.29
N CYS A 16 -15.15 2.49 -25.83
CA CYS A 16 -15.89 3.57 -25.21
C CYS A 16 -17.38 3.27 -25.29
N MET A 17 -18.17 4.04 -24.56
CA MET A 17 -19.57 3.68 -24.37
C MET A 17 -20.37 4.93 -24.00
N VAL A 18 -21.56 5.05 -24.57
CA VAL A 18 -22.49 6.11 -24.20
C VAL A 18 -23.91 5.63 -24.47
N ALA A 19 -24.81 5.92 -23.54
CA ALA A 19 -26.18 5.43 -23.57
C ALA A 19 -27.15 6.55 -23.91
N THR A 20 -28.30 6.16 -24.47
CA THR A 20 -29.33 7.11 -24.83
C THR A 20 -30.69 6.41 -24.75
N HIS A 21 -31.75 7.22 -24.79
CA HIS A 21 -33.11 6.70 -24.69
C HIS A 21 -33.89 6.96 -25.98
N ALA A 27 -34.65 1.91 -24.77
CA ALA A 27 -33.30 2.30 -24.36
C ALA A 27 -32.24 1.61 -25.23
N SER A 28 -31.14 2.30 -25.48
CA SER A 28 -30.09 1.76 -26.33
C SER A 28 -28.76 2.38 -25.92
N ILE A 29 -27.68 1.89 -26.55
CA ILE A 29 -26.33 2.29 -26.23
C ILE A 29 -25.49 2.36 -27.50
N TRP A 30 -24.57 3.31 -27.53
CA TRP A 30 -23.59 3.44 -28.60
C TRP A 30 -22.23 2.97 -28.12
N LEU A 31 -21.52 2.25 -28.97
CA LEU A 31 -20.24 1.65 -28.62
C LEU A 31 -19.19 2.00 -29.67
N GLY A 32 -17.96 2.22 -29.22
CA GLY A 32 -16.82 2.29 -30.11
C GLY A 32 -16.08 0.97 -30.07
N CYS A 33 -15.77 0.44 -31.26
CA CYS A 33 -15.18 -0.88 -31.35
C CYS A 33 -13.65 -0.79 -31.27
N GLY A 34 -13.07 -1.69 -30.48
CA GLY A 34 -11.64 -1.72 -30.28
C GLY A 34 -10.99 -2.99 -30.82
N HIS A 35 -11.81 -3.88 -31.40
CA HIS A 35 -11.31 -5.08 -32.06
C HIS A 35 -10.92 -4.83 -33.51
N THR A 36 -10.83 -3.56 -33.92
CA THR A 36 -10.52 -3.20 -35.30
C THR A 36 -9.64 -1.95 -35.31
N ASP A 37 -8.84 -1.83 -36.36
CA ASP A 37 -7.92 -0.70 -36.48
C ASP A 37 -8.58 0.52 -37.09
N ARG A 38 -9.78 0.39 -37.66
CA ARG A 38 -10.52 1.52 -38.20
C ARG A 38 -11.60 1.94 -37.22
N GLY A 39 -12.31 3.01 -37.56
CA GLY A 39 -13.32 3.54 -36.67
C GLY A 39 -14.68 2.91 -36.85
N GLN A 40 -15.02 1.97 -35.97
CA GLN A 40 -16.26 1.21 -36.06
C GLN A 40 -17.18 1.63 -34.93
N LEU A 41 -18.40 2.03 -35.29
CA LEU A 41 -19.41 2.46 -34.34
C LEU A 41 -20.53 1.44 -34.31
N SER A 42 -20.94 1.03 -33.11
CA SER A 42 -21.92 -0.01 -32.92
C SER A 42 -23.11 0.51 -32.11
N PHE A 43 -24.25 -0.15 -32.27
CA PHE A 43 -25.51 0.26 -31.67
C PHE A 43 -26.17 -0.97 -31.05
N LEU A 44 -26.51 -0.89 -29.77
CA LEU A 44 -27.08 -2.01 -29.04
C LEU A 44 -28.41 -1.60 -28.44
N ASP A 45 -29.48 -2.32 -28.80
CA ASP A 45 -30.80 -2.09 -28.23
C ASP A 45 -30.89 -2.86 -26.92
N LEU A 46 -31.00 -2.12 -25.80
CA LEU A 46 -31.05 -2.77 -24.50
C LEU A 46 -32.30 -3.62 -24.31
N ASN A 47 -33.35 -3.38 -25.10
CA ASN A 47 -34.57 -4.18 -24.97
C ASN A 47 -34.46 -5.49 -25.73
N THR A 48 -34.17 -5.42 -27.03
CA THR A 48 -34.12 -6.59 -27.88
C THR A 48 -32.74 -7.25 -27.94
N GLU A 49 -31.72 -6.62 -27.34
CA GLU A 49 -30.34 -7.12 -27.39
C GLU A 49 -29.84 -7.27 -28.82
N GLY A 50 -30.36 -6.44 -29.73
CA GLY A 50 -29.91 -6.46 -31.11
C GLY A 50 -28.67 -5.61 -31.29
N TYR A 51 -27.77 -6.07 -32.16
CA TYR A 51 -26.46 -5.45 -32.33
C TYR A 51 -26.22 -5.17 -33.80
N THR A 52 -25.95 -3.91 -34.12
CA THR A 52 -25.58 -3.48 -35.47
C THR A 52 -24.35 -2.59 -35.40
N SER A 53 -23.54 -2.64 -36.44
CA SER A 53 -22.30 -1.88 -36.48
C SER A 53 -22.07 -1.33 -37.88
N GLU A 54 -21.18 -0.34 -37.97
CA GLU A 54 -20.84 0.29 -39.24
C GLU A 54 -19.47 0.93 -39.12
N GLU A 55 -18.64 0.72 -40.13
CA GLU A 55 -17.35 1.41 -40.22
C GLU A 55 -17.59 2.86 -40.63
N VAL A 56 -17.30 3.79 -39.74
CA VAL A 56 -17.56 5.20 -39.99
C VAL A 56 -16.30 6.06 -40.05
N ALA A 57 -15.16 5.58 -39.56
CA ALA A 57 -13.95 6.39 -39.54
C ALA A 57 -12.76 5.56 -40.01
N ASP A 58 -11.66 6.25 -40.28
CA ASP A 58 -10.46 5.58 -40.77
C ASP A 58 -9.61 4.99 -39.64
N SER A 59 -9.66 5.58 -38.46
CA SER A 59 -8.88 5.12 -37.31
C SER A 59 -9.81 4.82 -36.15
N ARG A 60 -9.31 3.99 -35.23
CA ARG A 60 -10.12 3.49 -34.11
C ARG A 60 -10.81 4.62 -33.37
N ILE A 61 -12.10 4.46 -33.13
CA ILE A 61 -12.87 5.43 -32.35
C ILE A 61 -12.49 5.26 -30.89
N LEU A 62 -11.91 6.31 -30.31
CA LEU A 62 -11.41 6.23 -28.93
C LEU A 62 -12.46 6.65 -27.90
N CYS A 63 -13.25 7.68 -28.19
CA CYS A 63 -14.22 8.16 -27.20
C CYS A 63 -15.50 8.60 -27.90
N LEU A 64 -16.62 8.51 -27.18
CA LEU A 64 -17.93 8.87 -27.68
C LEU A 64 -18.56 9.94 -26.81
N ALA A 65 -19.42 10.76 -27.44
CA ALA A 65 -20.20 11.75 -26.72
C ALA A 65 -21.53 11.93 -27.45
N LEU A 66 -22.55 12.34 -26.71
CA LEU A 66 -23.89 12.49 -27.26
C LEU A 66 -24.35 13.92 -26.98
N VAL A 67 -24.34 14.76 -28.01
CA VAL A 67 -24.74 16.15 -27.89
C VAL A 67 -26.23 16.25 -28.25
N HIS A 68 -27.05 16.64 -27.27
CA HIS A 68 -28.49 16.79 -27.46
C HIS A 68 -28.85 18.27 -27.45
N LEU A 69 -29.51 18.71 -28.50
CA LEU A 69 -30.01 20.07 -28.61
C LEU A 69 -31.51 20.04 -28.38
N PRO A 70 -31.99 20.52 -27.23
CA PRO A 70 -33.45 20.55 -27.00
C PRO A 70 -34.18 21.43 -27.98
N VAL A 71 -33.75 22.69 -28.13
CA VAL A 71 -34.20 23.50 -29.25
C VAL A 71 -33.63 22.91 -30.52
N GLU A 72 -34.43 22.95 -31.60
CA GLU A 72 -34.13 22.32 -32.89
C GLU A 72 -34.26 20.80 -32.79
N LYS A 73 -34.41 20.28 -31.58
CA LYS A 73 -34.76 18.87 -31.32
C LYS A 73 -33.85 17.92 -32.11
N GLU A 74 -32.56 17.93 -31.77
CA GLU A 74 -31.62 17.14 -32.55
C GLU A 74 -30.54 16.50 -31.67
N SER A 75 -30.32 15.20 -31.87
CA SER A 75 -29.28 14.47 -31.14
C SER A 75 -28.19 14.06 -32.11
N TRP A 76 -26.95 14.36 -31.76
CA TRP A 76 -25.79 14.02 -32.56
C TRP A 76 -24.83 13.15 -31.75
N ILE A 77 -24.32 12.10 -32.38
CA ILE A 77 -23.31 11.24 -31.77
C ILE A 77 -21.95 11.67 -32.33
N VAL A 78 -21.03 11.99 -31.42
CA VAL A 78 -19.70 12.49 -31.76
C VAL A 78 -18.68 11.43 -31.38
N SER A 79 -17.82 11.07 -32.33
CA SER A 79 -16.78 10.07 -32.14
C SER A 79 -15.43 10.74 -32.31
N GLY A 80 -14.57 10.61 -31.30
CA GLY A 80 -13.18 11.05 -31.39
C GLY A 80 -12.28 9.83 -31.54
N THR A 81 -11.39 9.91 -32.53
CA THR A 81 -10.66 8.75 -33.04
C THR A 81 -9.18 8.84 -32.73
N GLN A 82 -8.44 7.84 -33.21
CA GLN A 82 -7.00 7.74 -32.97
C GLN A 82 -6.20 8.75 -33.80
N SER A 83 -6.75 9.22 -34.92
CA SER A 83 -6.07 10.18 -35.77
C SER A 83 -6.37 11.63 -35.38
N GLY A 84 -7.34 11.85 -34.49
CA GLY A 84 -7.75 13.19 -34.13
C GLY A 84 -9.03 13.66 -34.79
N THR A 85 -9.69 12.80 -35.55
CA THR A 85 -10.91 13.17 -36.26
C THR A 85 -12.10 13.17 -35.31
N LEU A 86 -12.94 14.19 -35.44
CA LEU A 86 -14.18 14.29 -34.67
C LEU A 86 -15.34 14.14 -35.65
N LEU A 87 -15.94 12.94 -35.67
CA LEU A 87 -17.02 12.63 -36.61
C LEU A 87 -18.36 12.79 -35.92
N VAL A 88 -19.21 13.65 -36.46
CA VAL A 88 -20.54 13.92 -35.91
C VAL A 88 -21.58 13.30 -36.84
N ILE A 89 -22.46 12.48 -36.27
CA ILE A 89 -23.47 11.77 -37.03
C ILE A 89 -24.84 12.04 -36.41
N ASN A 90 -25.84 12.24 -37.26
CA ASN A 90 -27.19 12.46 -36.77
C ASN A 90 -27.79 11.16 -36.25
N THR A 91 -28.46 11.24 -35.09
CA THR A 91 -29.04 10.04 -34.48
C THR A 91 -30.18 9.48 -35.32
N GLU A 92 -31.03 10.37 -35.86
CA GLU A 92 -32.19 9.89 -36.61
C GLU A 92 -31.83 9.53 -38.04
N ASP A 93 -31.04 10.35 -38.71
CA ASP A 93 -30.67 10.15 -40.11
C ASP A 93 -29.16 9.92 -40.18
N GLY A 94 -28.76 8.67 -40.41
CA GLY A 94 -27.35 8.35 -40.52
C GLY A 94 -26.64 9.03 -41.67
N LYS A 95 -27.39 9.48 -42.68
CA LYS A 95 -26.78 10.17 -43.82
C LYS A 95 -26.32 11.58 -43.47
N LYS A 96 -26.76 12.12 -42.34
CA LYS A 96 -26.36 13.46 -41.91
C LYS A 96 -25.14 13.32 -41.02
N ARG A 97 -23.95 13.47 -41.61
CA ARG A 97 -22.70 13.35 -40.88
C ARG A 97 -21.68 14.32 -41.45
N HIS A 98 -20.80 14.79 -40.58
CA HIS A 98 -19.75 15.73 -40.96
C HIS A 98 -18.59 15.59 -39.98
N THR A 99 -17.58 16.45 -40.15
CA THR A 99 -16.36 16.39 -39.36
C THR A 99 -16.02 17.79 -38.85
N LEU A 100 -15.71 17.89 -37.57
CA LEU A 100 -15.26 19.15 -36.99
C LEU A 100 -13.78 19.34 -37.30
N GLU A 101 -13.14 20.31 -36.64
CA GLU A 101 -11.73 20.59 -36.91
C GLU A 101 -10.85 19.44 -36.42
N LYS A 102 -9.93 19.01 -37.27
CA LYS A 102 -9.02 17.93 -36.92
C LYS A 102 -8.13 18.35 -35.75
N MET A 103 -7.97 17.43 -34.79
CA MET A 103 -7.06 17.67 -33.68
C MET A 103 -5.64 17.28 -34.05
N THR A 104 -4.67 17.89 -33.38
CA THR A 104 -3.27 17.63 -33.67
C THR A 104 -2.80 16.27 -33.16
N ASP A 105 -3.57 15.60 -32.32
CA ASP A 105 -3.25 14.26 -31.86
C ASP A 105 -4.55 13.52 -31.60
N SER A 106 -4.43 12.29 -31.10
CA SER A 106 -5.61 11.45 -30.90
C SER A 106 -6.52 12.04 -29.83
N VAL A 107 -7.82 11.91 -30.03
CA VAL A 107 -8.82 12.35 -29.07
C VAL A 107 -8.94 11.28 -27.99
N THR A 108 -8.64 11.65 -26.75
CA THR A 108 -8.66 10.71 -25.64
C THR A 108 -9.73 11.00 -24.61
N CYS A 109 -10.55 12.03 -24.82
CA CYS A 109 -11.62 12.32 -23.87
C CYS A 109 -12.69 13.17 -24.53
N LEU A 110 -13.95 12.82 -24.30
CA LEU A 110 -15.10 13.56 -24.79
C LEU A 110 -16.08 13.72 -23.64
N TYR A 111 -16.43 14.96 -23.32
CA TYR A 111 -17.35 15.22 -22.22
C TYR A 111 -18.39 16.25 -22.64
N CYS A 112 -19.61 16.11 -22.12
CA CYS A 112 -20.69 17.06 -22.35
C CYS A 112 -20.96 17.84 -21.06
N ASN A 113 -20.74 19.15 -21.10
CA ASN A 113 -20.93 19.98 -19.93
C ASN A 113 -22.15 20.89 -20.10
N LYS A 122 -25.71 27.43 -20.83
CA LYS A 122 -24.97 27.06 -22.02
C LYS A 122 -24.32 25.70 -21.86
N ASN A 123 -24.41 24.88 -22.91
CA ASN A 123 -23.81 23.55 -22.94
C ASN A 123 -22.58 23.55 -23.82
N PHE A 124 -21.62 22.69 -23.50
CA PHE A 124 -20.35 22.66 -24.21
C PHE A 124 -19.91 21.21 -24.42
N LEU A 125 -19.03 21.04 -25.40
CA LEU A 125 -18.39 19.76 -25.70
C LEU A 125 -16.89 19.93 -25.48
N LEU A 126 -16.36 19.21 -24.49
CA LEU A 126 -14.95 19.27 -24.15
C LEU A 126 -14.23 18.08 -24.80
N VAL A 127 -13.13 18.36 -25.48
CA VAL A 127 -12.40 17.38 -26.27
C VAL A 127 -10.96 17.39 -25.78
N GLY A 128 -10.58 16.39 -24.99
CA GLY A 128 -9.22 16.27 -24.52
C GLY A 128 -8.43 15.30 -25.41
N THR A 129 -7.23 15.74 -25.79
CA THR A 129 -6.39 15.02 -26.73
C THR A 129 -5.19 14.41 -26.02
N ALA A 130 -4.45 13.58 -26.75
CA ALA A 130 -3.31 12.85 -26.20
C ALA A 130 -2.05 13.71 -26.09
N ASP A 131 -2.03 14.89 -26.71
CA ASP A 131 -0.91 15.81 -26.57
C ASP A 131 -1.18 16.90 -25.54
N GLY A 132 -2.07 16.63 -24.58
CA GLY A 132 -2.26 17.53 -23.46
C GLY A 132 -3.06 18.78 -23.75
N LYS A 133 -3.95 18.75 -24.73
CA LYS A 133 -4.76 19.90 -25.07
C LYS A 133 -6.24 19.61 -24.86
N LEU A 134 -7.01 20.67 -24.63
CA LEU A 134 -8.44 20.58 -24.35
C LEU A 134 -9.17 21.63 -25.19
N ALA A 135 -9.91 21.18 -26.20
CA ALA A 135 -10.67 22.06 -27.06
C ALA A 135 -12.11 22.12 -26.60
N ILE A 136 -12.70 23.32 -26.66
CA ILE A 136 -14.07 23.54 -26.21
C ILE A 136 -14.92 23.94 -27.41
N PHE A 137 -16.04 23.25 -27.59
CA PHE A 137 -17.02 23.59 -28.61
C PHE A 137 -18.33 23.99 -27.94
N GLU A 138 -19.04 24.91 -28.56
CA GLU A 138 -20.34 25.30 -28.03
C GLU A 138 -21.39 24.26 -28.42
N ASP A 139 -22.56 24.34 -27.77
CA ASP A 139 -23.63 23.39 -28.03
C ASP A 139 -24.05 23.40 -29.49
N LYS A 140 -24.23 24.60 -30.06
CA LYS A 140 -24.74 24.71 -31.42
C LYS A 140 -23.67 24.37 -32.45
N THR A 141 -22.43 24.81 -32.22
CA THR A 141 -21.38 24.69 -33.23
C THR A 141 -21.09 23.25 -33.64
N VAL A 142 -21.60 22.26 -32.91
CA VAL A 142 -21.41 20.87 -33.30
C VAL A 142 -22.10 20.56 -34.62
N LYS A 143 -23.15 21.33 -34.98
CA LYS A 143 -23.89 21.06 -36.20
C LYS A 143 -23.15 21.52 -37.45
N LEU A 144 -22.14 22.37 -37.30
CA LEU A 144 -21.49 23.00 -38.45
C LEU A 144 -20.30 22.18 -38.93
N LYS A 145 -20.25 21.93 -40.23
CA LYS A 145 -19.14 21.19 -40.82
C LYS A 145 -17.85 21.99 -40.70
N GLY A 146 -16.79 21.32 -40.25
CA GLY A 146 -15.51 21.98 -40.10
C GLY A 146 -15.48 23.06 -39.04
N ALA A 147 -16.39 23.01 -38.08
CA ALA A 147 -16.44 24.04 -37.06
C ALA A 147 -15.18 24.04 -36.20
N ALA A 148 -14.71 25.25 -35.84
CA ALA A 148 -13.53 25.45 -35.01
C ALA A 148 -13.93 25.60 -33.54
N PRO A 149 -13.08 25.16 -32.62
CA PRO A 149 -13.42 25.27 -31.20
C PRO A 149 -13.34 26.71 -30.72
N LEU A 150 -14.11 26.99 -29.67
CA LEU A 150 -14.08 28.32 -29.05
C LEU A 150 -12.71 28.61 -28.46
N LYS A 151 -12.05 27.60 -27.88
CA LYS A 151 -10.74 27.79 -27.27
C LYS A 151 -10.04 26.44 -27.17
N ILE A 152 -8.71 26.50 -27.15
CA ILE A 152 -7.87 25.33 -26.94
C ILE A 152 -6.91 25.63 -25.80
N LEU A 153 -7.04 24.87 -24.71
CA LEU A 153 -6.17 25.01 -23.55
C LEU A 153 -5.02 24.02 -23.68
N ASN A 154 -3.79 24.52 -23.60
CA ASN A 154 -2.60 23.67 -23.65
C ASN A 154 -2.17 23.38 -22.21
N ILE A 155 -2.72 22.32 -21.64
CA ILE A 155 -2.47 21.98 -20.24
C ILE A 155 -1.19 21.16 -20.10
N GLY A 156 -0.92 20.26 -21.04
CA GLY A 156 0.23 19.38 -20.96
C GLY A 156 1.03 19.41 -22.25
N ASN A 157 1.61 18.26 -22.58
CA ASN A 157 2.46 18.11 -23.74
C ASN A 157 2.15 16.77 -24.40
N VAL A 158 2.96 16.40 -25.40
CA VAL A 158 2.74 15.16 -26.15
C VAL A 158 2.85 13.94 -25.24
N SER A 159 3.59 14.04 -24.14
CA SER A 159 3.81 12.91 -23.25
C SER A 159 2.79 12.84 -22.12
N THR A 160 1.90 13.82 -21.99
CA THR A 160 0.89 13.86 -20.92
C THR A 160 -0.50 13.88 -21.55
N PRO A 161 -1.11 12.72 -21.79
CA PRO A 161 -2.43 12.70 -22.40
C PRO A 161 -3.51 13.08 -21.40
N LEU A 162 -4.49 13.85 -21.88
CA LEU A 162 -5.64 14.23 -21.07
C LEU A 162 -6.72 13.18 -21.28
N MET A 163 -6.99 12.39 -20.24
CA MET A 163 -7.76 11.18 -20.40
C MET A 163 -9.04 11.10 -19.58
N CYS A 164 -9.34 12.07 -18.72
CA CYS A 164 -10.56 11.99 -17.95
C CYS A 164 -11.03 13.39 -17.56
N LEU A 165 -12.36 13.57 -17.55
CA LEU A 165 -13.02 14.79 -17.12
C LEU A 165 -14.26 14.41 -16.31
N SER A 166 -14.56 15.22 -15.30
CA SER A 166 -15.74 15.02 -14.48
C SER A 166 -16.31 16.35 -14.01
N VAL A 176 -18.26 23.38 -11.59
CA VAL A 176 -16.85 23.31 -11.89
C VAL A 176 -16.49 21.97 -12.51
N MET A 177 -15.48 21.98 -13.37
CA MET A 177 -15.02 20.78 -14.07
C MET A 177 -13.62 20.43 -13.61
N TRP A 178 -13.42 19.16 -13.26
CA TRP A 178 -12.11 18.63 -12.91
C TRP A 178 -11.65 17.69 -13.99
N GLY A 179 -10.34 17.56 -14.13
CA GLY A 179 -9.79 16.70 -15.17
C GLY A 179 -8.41 16.21 -14.81
N GLY A 180 -8.01 15.15 -15.52
CA GLY A 180 -6.69 14.58 -15.32
C GLY A 180 -5.83 14.65 -16.56
N CYS A 181 -4.63 15.22 -16.43
CA CYS A 181 -3.68 15.32 -17.53
C CYS A 181 -2.34 14.81 -17.03
N GLY A 182 -1.92 13.65 -17.54
CA GLY A 182 -0.69 13.04 -17.06
C GLY A 182 -0.82 12.69 -15.60
N THR A 183 0.07 13.24 -14.78
CA THR A 183 0.03 13.05 -13.34
C THR A 183 -0.52 14.28 -12.62
N LYS A 184 -1.21 15.16 -13.32
CA LYS A 184 -1.71 16.40 -12.74
C LYS A 184 -3.23 16.44 -12.77
N ILE A 185 -3.82 17.02 -11.74
CA ILE A 185 -5.25 17.30 -11.68
C ILE A 185 -5.45 18.78 -11.97
N PHE A 186 -6.29 19.09 -12.94
CA PHE A 186 -6.59 20.47 -13.29
C PHE A 186 -8.07 20.75 -13.09
N SER A 187 -8.40 22.02 -12.92
CA SER A 187 -9.76 22.46 -12.67
C SER A 187 -10.05 23.70 -13.49
N PHE A 188 -11.30 23.84 -13.93
CA PHE A 188 -11.72 25.03 -14.64
C PHE A 188 -13.23 25.15 -14.55
N SER A 189 -13.73 26.38 -14.53
CA SER A 189 -15.16 26.62 -14.39
C SER A 189 -15.77 27.30 -15.60
N ASN A 190 -15.23 28.43 -16.04
CA ASN A 190 -15.82 29.23 -17.11
C ASN A 190 -14.97 29.23 -18.38
N ASP A 191 -14.20 28.16 -18.61
CA ASP A 191 -13.64 27.75 -19.89
C ASP A 191 -12.43 28.55 -20.38
N PHE A 192 -11.99 29.58 -19.67
CA PHE A 192 -10.90 30.42 -20.15
C PHE A 192 -9.73 30.52 -19.18
N THR A 193 -9.77 29.83 -18.04
CA THR A 193 -8.67 29.84 -17.09
C THR A 193 -8.57 28.48 -16.42
N ILE A 194 -7.37 27.92 -16.39
CA ILE A 194 -7.10 26.72 -15.60
C ILE A 194 -6.96 27.16 -14.15
N GLN A 195 -7.92 26.77 -13.31
CA GLN A 195 -7.96 27.26 -11.93
C GLN A 195 -6.93 26.56 -11.05
N LYS A 196 -7.07 25.24 -10.89
CA LYS A 196 -6.19 24.48 -10.01
C LYS A 196 -5.27 23.60 -10.84
N LEU A 197 -4.03 23.43 -10.37
CA LEU A 197 -3.05 22.55 -11.02
C LEU A 197 -2.29 21.85 -9.91
N ILE A 198 -2.56 20.56 -9.72
CA ILE A 198 -2.06 19.79 -8.59
C ILE A 198 -1.25 18.61 -9.11
N GLU A 199 -0.01 18.49 -8.65
CA GLU A 199 0.86 17.38 -9.03
C GLU A 199 0.62 16.21 -8.10
N THR A 200 0.26 15.06 -8.68
CA THR A 200 -0.04 13.87 -7.88
C THR A 200 1.13 12.91 -7.78
N ARG A 201 2.26 13.22 -8.43
CA ARG A 201 3.46 12.43 -8.20
C ARG A 201 3.99 12.60 -6.78
N THR A 202 3.64 13.71 -6.12
CA THR A 202 4.09 13.98 -4.76
C THR A 202 3.73 12.86 -3.79
N SER A 203 2.74 12.05 -4.13
CA SER A 203 2.34 10.93 -3.29
C SER A 203 3.31 9.75 -3.37
N GLN A 204 4.51 9.95 -3.94
CA GLN A 204 5.53 8.91 -3.88
C GLN A 204 5.88 8.52 -2.45
N LEU A 205 5.62 9.41 -1.49
CA LEU A 205 5.99 9.16 -0.10
C LEU A 205 5.08 8.14 0.58
N PHE A 206 4.01 7.68 -0.08
CA PHE A 206 3.01 6.86 0.60
C PHE A 206 2.65 5.64 -0.22
N SER A 207 3.01 4.47 0.32
CA SER A 207 2.53 3.13 -0.01
C SER A 207 3.03 2.56 -1.32
N TYR A 208 3.57 3.40 -2.21
CA TYR A 208 4.40 2.99 -3.34
C TYR A 208 4.78 4.21 -4.16
N ALA A 209 5.93 4.16 -4.83
CA ALA A 209 6.36 5.26 -5.70
C ALA A 209 5.99 5.02 -7.17
N ALA A 210 6.12 3.78 -7.66
CA ALA A 210 5.89 3.53 -9.07
C ALA A 210 4.42 3.66 -9.44
N PHE A 211 3.50 3.38 -8.50
CA PHE A 211 2.08 3.54 -8.78
C PHE A 211 1.71 5.01 -8.93
N SER A 212 2.26 5.87 -8.07
CA SER A 212 1.95 7.29 -8.14
C SER A 212 2.56 7.96 -9.35
N ASP A 213 3.57 7.36 -9.97
CA ASP A 213 4.18 7.91 -11.18
C ASP A 213 3.53 7.34 -12.43
N SER A 214 2.21 7.47 -12.52
CA SER A 214 1.45 6.97 -13.65
C SER A 214 0.39 7.98 -14.04
N ASN A 215 -0.03 7.90 -15.30
CA ASN A 215 -1.04 8.82 -15.80
C ASN A 215 -2.39 8.57 -15.15
N ILE A 216 -3.11 9.65 -14.87
CA ILE A 216 -4.44 9.55 -14.27
C ILE A 216 -5.42 9.08 -15.33
N ILE A 217 -6.18 8.03 -15.01
CA ILE A 217 -7.08 7.44 -16.00
C ILE A 217 -8.54 7.76 -15.66
N THR A 218 -8.85 7.97 -14.39
CA THR A 218 -10.22 8.30 -14.03
C THR A 218 -10.22 9.20 -12.80
N VAL A 219 -11.24 10.06 -12.73
CA VAL A 219 -11.42 11.02 -11.66
C VAL A 219 -12.91 11.12 -11.35
N VAL A 220 -13.26 10.97 -10.06
CA VAL A 220 -14.62 11.16 -9.57
C VAL A 220 -14.58 12.17 -8.44
N VAL A 221 -15.56 13.07 -8.42
CA VAL A 221 -15.56 14.24 -7.54
C VAL A 221 -16.84 14.25 -6.72
N ASP A 222 -16.74 13.94 -5.42
CA ASP A 222 -17.88 14.09 -4.51
C ASP A 222 -17.64 15.15 -3.44
N THR A 223 -16.64 14.97 -2.59
CA THR A 223 -16.16 15.95 -1.62
C THR A 223 -14.65 16.11 -1.69
N ALA A 224 -13.93 15.03 -1.92
CA ALA A 224 -12.53 15.02 -2.26
C ALA A 224 -12.40 14.43 -3.67
N LEU A 225 -11.17 14.41 -4.18
CA LEU A 225 -10.90 13.89 -5.51
C LEU A 225 -10.38 12.46 -5.39
N TYR A 226 -11.15 11.51 -5.90
CA TYR A 226 -10.77 10.10 -5.93
C TYR A 226 -10.24 9.78 -7.32
N ILE A 227 -8.94 9.57 -7.42
CA ILE A 227 -8.29 9.35 -8.71
C ILE A 227 -7.65 7.98 -8.73
N ALA A 228 -7.56 7.41 -9.93
CA ALA A 228 -6.88 6.15 -10.17
C ALA A 228 -5.89 6.32 -11.30
N LYS A 229 -4.80 5.57 -11.25
CA LYS A 229 -3.73 5.70 -12.22
C LYS A 229 -3.53 4.39 -12.96
N GLN A 230 -2.94 4.49 -14.15
CA GLN A 230 -2.78 3.33 -15.01
C GLN A 230 -1.86 2.31 -14.38
N ASN A 231 -2.30 1.04 -14.40
CA ASN A 231 -1.55 -0.07 -13.80
C ASN A 231 -1.22 0.21 -12.34
N SER A 232 -2.24 0.67 -11.60
CA SER A 232 -2.08 1.00 -10.19
C SER A 232 -3.27 0.43 -9.41
N PRO A 233 -3.02 -0.34 -8.34
CA PRO A 233 -4.11 -0.78 -7.46
C PRO A 233 -4.45 0.18 -6.33
N VAL A 234 -3.92 1.40 -6.36
CA VAL A 234 -4.08 2.35 -5.27
C VAL A 234 -4.90 3.52 -5.80
N VAL A 235 -6.08 3.71 -5.24
CA VAL A 235 -6.90 4.89 -5.50
C VAL A 235 -6.47 5.98 -4.53
N GLU A 236 -6.05 7.11 -5.07
CA GLU A 236 -5.62 8.25 -4.25
C GLU A 236 -6.80 9.17 -3.98
N VAL A 237 -6.78 9.78 -2.80
CA VAL A 237 -7.83 10.71 -2.39
C VAL A 237 -7.16 12.03 -2.02
N TRP A 238 -7.46 13.08 -2.77
CA TRP A 238 -6.83 14.38 -2.64
C TRP A 238 -7.85 15.41 -2.17
N ASP A 239 -7.34 16.45 -1.51
CA ASP A 239 -8.19 17.54 -1.00
C ASP A 239 -8.30 18.64 -2.05
N LYS A 240 -9.52 19.17 -2.21
CA LYS A 240 -9.74 20.25 -3.16
C LYS A 240 -9.03 21.52 -2.72
N LYS A 241 -9.15 21.87 -1.43
CA LYS A 241 -8.62 23.15 -0.95
C LYS A 241 -7.12 23.08 -0.70
N THR A 242 -6.68 22.15 0.16
CA THR A 242 -5.27 22.08 0.53
C THR A 242 -4.41 21.48 -0.58
N GLU A 243 -5.02 20.87 -1.61
CA GLU A 243 -4.30 20.29 -2.74
C GLU A 243 -3.29 19.25 -2.29
N LYS A 244 -3.59 18.51 -1.22
CA LYS A 244 -2.69 17.50 -0.71
C LYS A 244 -3.45 16.19 -0.53
N LEU A 245 -2.69 15.12 -0.32
CA LEU A 245 -3.26 13.78 -0.22
C LEU A 245 -4.13 13.67 1.03
N CYS A 246 -5.39 13.29 0.84
CA CYS A 246 -6.27 12.98 1.96
C CYS A 246 -6.15 11.53 2.41
N GLY A 247 -6.03 10.60 1.47
CA GLY A 247 -5.99 9.21 1.86
C GLY A 247 -5.64 8.31 0.69
N LEU A 248 -5.54 7.01 1.00
CA LEU A 248 -5.17 6.01 0.02
C LEU A 248 -6.03 4.77 0.22
N ILE A 249 -6.46 4.16 -0.89
CA ILE A 249 -7.25 2.94 -0.87
C ILE A 249 -6.49 1.90 -1.68
N ASP A 250 -5.96 0.88 -1.00
CA ASP A 250 -5.19 -0.17 -1.65
C ASP A 250 -6.13 -1.35 -1.90
N CYS A 251 -6.49 -1.55 -3.17
CA CYS A 251 -7.44 -2.60 -3.51
C CYS A 251 -6.85 -3.99 -3.25
N VAL A 252 -5.53 -4.12 -3.33
CA VAL A 252 -4.92 -5.43 -3.09
C VAL A 252 -5.21 -5.88 -1.65
N HIS A 253 -5.11 -4.96 -0.70
CA HIS A 253 -5.32 -5.31 0.70
C HIS A 253 -6.81 -5.53 1.01
N PHE A 254 -7.70 -4.76 0.38
CA PHE A 254 -9.12 -4.96 0.60
C PHE A 254 -9.59 -6.27 -0.03
N LEU A 255 -9.00 -6.66 -1.16
CA LEU A 255 -9.40 -7.91 -1.80
C LEU A 255 -8.95 -9.12 -1.01
N ARG A 256 -7.84 -9.01 -0.27
CA ARG A 256 -7.30 -10.13 0.48
C ARG A 256 -8.04 -10.39 1.79
N GLU A 257 -9.20 -9.77 1.99
CA GLU A 257 -10.04 -10.06 3.15
C GLU A 257 -11.52 -10.07 2.77
N MET A 270 -5.66 -14.65 -3.75
CA MET A 270 -4.61 -13.99 -2.98
C MET A 270 -3.57 -13.37 -3.91
N SER A 271 -3.52 -13.86 -5.15
CA SER A 271 -2.64 -13.34 -6.17
C SER A 271 -3.28 -12.23 -7.00
N TYR A 272 -4.27 -11.54 -6.44
CA TYR A 272 -4.99 -10.51 -7.17
C TYR A 272 -4.08 -9.32 -7.46
N SER A 273 -4.11 -8.85 -8.71
CA SER A 273 -3.36 -7.65 -9.05
C SER A 273 -4.01 -6.39 -8.49
N GLY A 274 -5.35 -6.38 -8.42
CA GLY A 274 -6.07 -5.24 -7.90
C GLY A 274 -6.00 -3.98 -8.73
N ARG A 275 -5.50 -4.07 -9.96
CA ARG A 275 -5.34 -2.90 -10.81
C ARG A 275 -6.69 -2.25 -11.09
N VAL A 276 -6.83 -0.99 -10.68
CA VAL A 276 -8.10 -0.28 -10.81
C VAL A 276 -8.30 0.12 -12.27
N LYS A 277 -9.48 -0.21 -12.81
CA LYS A 277 -9.84 0.16 -14.17
C LYS A 277 -10.96 1.18 -14.26
N THR A 278 -11.80 1.29 -13.23
CA THR A 278 -12.93 2.20 -13.29
C THR A 278 -13.36 2.60 -11.88
N LEU A 279 -13.83 3.84 -11.75
CA LEU A 279 -14.39 4.36 -10.51
C LEU A 279 -15.74 4.99 -10.81
N CYS A 280 -16.68 4.85 -9.87
CA CYS A 280 -18.01 5.40 -10.06
C CYS A 280 -18.66 5.62 -8.70
N LEU A 281 -19.28 6.78 -8.52
CA LEU A 281 -19.93 7.15 -7.27
C LEU A 281 -21.41 6.80 -7.32
N GLN A 282 -21.97 6.54 -6.13
CA GLN A 282 -23.39 6.22 -6.02
C GLN A 282 -24.11 7.24 -5.14
N ALA A 286 -21.21 6.34 -1.50
CA ALA A 286 -20.65 5.04 -1.88
C ALA A 286 -19.80 5.17 -3.13
N LEU A 287 -18.76 4.34 -3.23
CA LEU A 287 -17.84 4.35 -4.37
C LEU A 287 -17.68 2.94 -4.90
N TRP A 288 -17.89 2.78 -6.21
CA TRP A 288 -17.67 1.52 -6.89
C TRP A 288 -16.28 1.52 -7.51
N ILE A 289 -15.59 0.39 -7.40
CA ILE A 289 -14.25 0.21 -7.95
C ILE A 289 -14.21 -1.10 -8.71
N GLY A 290 -14.02 -1.02 -10.02
CA GLY A 290 -13.76 -2.19 -10.83
C GLY A 290 -12.26 -2.37 -10.96
N THR A 291 -11.81 -3.60 -10.77
CA THR A 291 -10.39 -3.93 -10.81
C THR A 291 -10.04 -4.67 -12.10
N GLY A 292 -8.73 -4.86 -12.30
CA GLY A 292 -8.25 -5.58 -13.47
C GLY A 292 -8.79 -7.00 -13.55
N GLY A 293 -9.01 -7.64 -12.41
CA GLY A 293 -9.70 -8.90 -12.36
C GLY A 293 -11.20 -8.70 -12.55
N GLY A 294 -11.96 -9.70 -12.11
CA GLY A 294 -13.40 -9.59 -12.20
C GLY A 294 -14.03 -9.17 -10.89
N HIS A 295 -13.30 -8.37 -10.11
CA HIS A 295 -13.71 -8.01 -8.76
C HIS A 295 -14.24 -6.59 -8.73
N ILE A 296 -15.32 -6.38 -7.98
CA ILE A 296 -15.94 -5.07 -7.84
C ILE A 296 -16.08 -4.77 -6.35
N LEU A 297 -15.53 -3.64 -5.93
CA LEU A 297 -15.61 -3.19 -4.56
C LEU A 297 -16.63 -2.06 -4.45
N LEU A 298 -17.31 -2.01 -3.30
CA LEU A 298 -18.28 -0.96 -2.98
C LEU A 298 -17.92 -0.48 -1.58
N LEU A 299 -17.31 0.70 -1.50
CA LEU A 299 -16.83 1.25 -0.25
C LEU A 299 -17.67 2.46 0.17
N ASP A 300 -17.66 2.74 1.47
CA ASP A 300 -18.28 3.93 2.00
C ASP A 300 -17.29 5.09 1.94
N LEU A 301 -17.82 6.29 1.70
CA LEU A 301 -16.98 7.49 1.61
C LEU A 301 -16.72 8.11 2.98
N SER A 302 -17.79 8.35 3.75
CA SER A 302 -17.64 9.03 5.03
C SER A 302 -16.74 8.27 5.99
N THR A 303 -16.72 6.94 5.91
CA THR A 303 -15.96 6.12 6.84
C THR A 303 -14.81 5.35 6.20
N ARG A 304 -14.73 5.30 4.87
CA ARG A 304 -13.73 4.48 4.16
C ARG A 304 -13.78 3.03 4.66
N ARG A 305 -14.98 2.51 4.81
CA ARG A 305 -15.19 1.12 5.21
C ARG A 305 -15.78 0.34 4.04
N LEU A 306 -15.63 -0.97 4.12
CA LEU A 306 -16.02 -1.86 3.03
C LEU A 306 -17.48 -2.24 3.18
N ILE A 307 -18.29 -1.93 2.17
CA ILE A 307 -19.71 -2.25 2.19
C ILE A 307 -19.94 -3.59 1.50
N ARG A 308 -19.49 -3.71 0.25
CA ARG A 308 -19.79 -4.89 -0.55
C ARG A 308 -18.59 -5.25 -1.40
N VAL A 309 -18.45 -6.55 -1.68
CA VAL A 309 -17.39 -7.03 -2.57
C VAL A 309 -17.96 -8.18 -3.40
N ILE A 310 -17.85 -8.05 -4.72
CA ILE A 310 -18.30 -9.08 -5.65
C ILE A 310 -17.06 -9.64 -6.35
N TYR A 311 -16.71 -10.88 -6.03
CA TYR A 311 -15.58 -11.54 -6.65
C TYR A 311 -16.01 -12.23 -7.93
N ASN A 312 -15.12 -12.21 -8.93
CA ASN A 312 -15.31 -12.93 -10.19
C ASN A 312 -16.62 -12.52 -10.88
N PHE A 313 -16.96 -11.24 -10.79
CA PHE A 313 -18.11 -10.72 -11.53
C PHE A 313 -17.95 -10.96 -13.02
N CYS A 314 -16.71 -10.95 -13.51
CA CYS A 314 -16.35 -11.32 -14.87
C CYS A 314 -14.88 -11.72 -14.84
N ASN A 315 -14.23 -11.72 -16.00
CA ASN A 315 -12.78 -11.89 -16.02
C ASN A 315 -12.04 -10.56 -15.93
N SER A 316 -12.64 -9.46 -16.38
CA SER A 316 -12.01 -8.15 -16.27
C SER A 316 -13.08 -7.08 -16.42
N VAL A 317 -13.24 -6.26 -15.39
CA VAL A 317 -14.15 -5.11 -15.46
C VAL A 317 -13.46 -4.00 -16.22
N ARG A 318 -14.13 -3.48 -17.25
CA ARG A 318 -13.56 -2.44 -18.09
C ARG A 318 -14.22 -1.08 -17.90
N VAL A 319 -15.55 -1.01 -17.93
CA VAL A 319 -16.25 0.26 -17.80
C VAL A 319 -17.37 0.12 -16.78
N MET A 320 -17.62 1.19 -16.04
CA MET A 320 -18.69 1.21 -15.05
C MET A 320 -19.23 2.62 -14.97
N MET A 321 -20.51 2.81 -15.32
CA MET A 321 -21.05 4.16 -15.38
C MET A 321 -22.53 4.17 -15.04
N THR A 322 -23.06 5.37 -14.87
CA THR A 322 -24.47 5.63 -14.61
C THR A 322 -25.08 6.28 -15.84
N ALA A 323 -26.31 5.87 -16.17
CA ALA A 323 -27.00 6.40 -17.33
C ALA A 323 -28.45 6.70 -16.98
N GLN A 324 -29.06 7.55 -17.79
CA GLN A 324 -30.47 7.90 -17.68
C GLN A 324 -31.17 7.36 -18.92
N LEU A 325 -31.81 6.20 -18.78
CA LEU A 325 -32.46 5.52 -19.89
C LEU A 325 -33.89 6.03 -20.13
N GLY A 326 -34.20 7.22 -19.65
CA GLY A 326 -35.52 7.77 -19.82
C GLY A 326 -35.86 8.69 -18.66
N SER A 327 -37.14 9.04 -18.58
CA SER A 327 -37.61 9.92 -17.53
C SER A 327 -37.59 9.18 -16.20
N LEU A 328 -36.83 9.70 -15.23
CA LEU A 328 -36.74 9.14 -13.89
C LEU A 328 -36.24 7.70 -13.90
N LYS A 329 -35.25 7.42 -14.76
CA LYS A 329 -34.69 6.08 -14.92
C LYS A 329 -33.17 6.18 -14.74
N ASN A 330 -32.72 5.99 -13.50
CA ASN A 330 -31.29 5.98 -13.19
C ASN A 330 -30.81 4.54 -13.17
N VAL A 331 -29.83 4.22 -14.01
CA VAL A 331 -29.42 2.84 -14.28
C VAL A 331 -27.91 2.73 -14.17
N MET A 332 -27.44 1.61 -13.64
CA MET A 332 -26.01 1.31 -13.54
C MET A 332 -25.64 0.29 -14.61
N LEU A 333 -24.62 0.64 -15.41
CA LEU A 333 -24.12 -0.20 -16.50
C LEU A 333 -22.67 -0.58 -16.22
N VAL A 334 -22.36 -1.86 -16.39
CA VAL A 334 -21.02 -2.40 -16.17
C VAL A 334 -20.64 -3.23 -17.39
N LEU A 335 -19.60 -2.79 -18.09
CA LEU A 335 -19.06 -3.50 -19.24
C LEU A 335 -17.80 -4.26 -18.84
N GLY A 336 -17.84 -5.59 -18.94
CA GLY A 336 -16.69 -6.42 -18.70
C GLY A 336 -16.45 -7.35 -19.89
N TYR A 337 -15.39 -8.14 -19.77
CA TYR A 337 -15.08 -9.10 -20.83
C TYR A 337 -14.38 -10.32 -20.24
N ASN A 338 -14.52 -11.46 -20.93
CA ASN A 338 -13.95 -12.72 -20.49
C ASN A 338 -12.93 -13.23 -21.49
N GLU A 350 -10.40 -15.40 -28.35
CA GLU A 350 -11.32 -15.84 -27.31
C GLU A 350 -11.68 -14.71 -26.35
N ILE A 351 -12.65 -13.89 -26.75
CA ILE A 351 -13.11 -12.76 -25.93
C ILE A 351 -14.63 -12.73 -25.99
N GLN A 352 -15.26 -12.56 -24.82
CA GLN A 352 -16.72 -12.44 -24.73
C GLN A 352 -17.03 -11.23 -23.85
N SER A 353 -17.44 -10.13 -24.48
CA SER A 353 -17.80 -8.93 -23.74
C SER A 353 -19.25 -9.00 -23.29
N CYS A 354 -19.50 -8.56 -22.06
CA CYS A 354 -20.83 -8.60 -21.47
C CYS A 354 -21.14 -7.25 -20.83
N LEU A 355 -22.43 -6.88 -20.90
CA LEU A 355 -22.94 -5.64 -20.32
C LEU A 355 -23.98 -6.01 -19.27
N THR A 356 -23.63 -5.86 -18.00
CA THR A 356 -24.57 -6.04 -16.91
C THR A 356 -25.25 -4.72 -16.61
N VAL A 357 -26.56 -4.78 -16.36
CA VAL A 357 -27.36 -3.57 -16.18
C VAL A 357 -28.33 -3.79 -15.03
N TRP A 358 -28.38 -2.84 -14.11
CA TRP A 358 -29.38 -2.91 -13.04
C TRP A 358 -29.86 -1.51 -12.68
N ASP A 359 -30.90 -1.47 -11.84
CA ASP A 359 -31.48 -0.22 -11.39
C ASP A 359 -30.81 0.24 -10.10
N ILE A 360 -30.78 1.56 -9.91
CA ILE A 360 -30.15 2.13 -8.73
C ILE A 360 -31.15 2.22 -7.58
N SER B 3 29.81 -15.43 3.43
CA SER B 3 28.39 -15.73 3.76
C SER B 3 28.17 -17.24 3.73
N ARG B 4 28.11 -17.86 4.92
CA ARG B 4 27.91 -19.32 5.06
C ARG B 4 26.68 -19.56 5.93
N ARG B 5 26.05 -20.73 5.81
CA ARG B 5 24.84 -21.05 6.61
C ARG B 5 25.16 -22.17 7.60
N ILE B 6 24.84 -21.96 8.88
CA ILE B 6 25.12 -22.91 9.95
C ILE B 6 23.79 -23.52 10.36
N LEU B 7 23.67 -24.84 10.21
CA LEU B 7 22.45 -25.55 10.57
C LEU B 7 22.46 -25.91 12.05
N LEU B 8 21.43 -25.47 12.75
CA LEU B 8 21.23 -25.88 14.13
C LEU B 8 20.72 -27.32 14.19
N PRO B 9 20.82 -27.97 15.34
CA PRO B 9 20.26 -29.32 15.46
C PRO B 9 18.78 -29.34 15.09
N LYS B 10 18.33 -30.51 14.63
CA LYS B 10 16.98 -30.63 14.11
C LYS B 10 15.94 -30.36 15.19
N ASN B 11 14.89 -29.64 14.81
CA ASN B 11 13.74 -29.27 15.65
C ASN B 11 14.08 -28.22 16.70
N VAL B 12 15.29 -27.66 16.68
CA VAL B 12 15.61 -26.58 17.60
C VAL B 12 14.93 -25.30 17.11
N ILE B 13 14.21 -24.64 18.02
CA ILE B 13 13.54 -23.37 17.74
C ILE B 13 14.22 -22.29 18.56
N VAL B 14 14.53 -21.17 17.92
CA VAL B 14 15.26 -20.08 18.56
C VAL B 14 14.30 -18.92 18.77
N GLU B 15 13.99 -18.64 20.03
CA GLU B 15 13.14 -17.50 20.36
C GLU B 15 13.89 -16.18 20.24
N CYS B 16 15.19 -16.19 20.49
CA CYS B 16 15.93 -14.96 20.72
C CYS B 16 17.42 -15.25 20.61
N MET B 17 18.21 -14.19 20.52
CA MET B 17 19.58 -14.35 20.08
C MET B 17 20.42 -13.16 20.52
N VAL B 18 21.66 -13.44 20.92
CA VAL B 18 22.63 -12.40 21.24
C VAL B 18 24.02 -12.93 20.91
N ALA B 19 24.85 -12.06 20.35
CA ALA B 19 26.16 -12.45 19.84
C ALA B 19 27.27 -11.86 20.70
N THR B 20 28.42 -12.53 20.67
CA THR B 20 29.59 -12.08 21.41
C THR B 20 30.90 -12.51 20.74
N ASN B 26 37.22 -17.02 18.42
CA ASN B 26 36.04 -17.83 18.15
C ASN B 26 34.76 -17.10 18.54
N ALA B 27 34.13 -16.48 17.55
CA ALA B 27 32.85 -15.82 17.78
C ALA B 27 31.76 -16.84 18.06
N SER B 28 30.79 -16.44 18.87
CA SER B 28 29.75 -17.36 19.31
C SER B 28 28.49 -16.57 19.64
N ILE B 29 27.40 -17.30 19.81
CA ILE B 29 26.11 -16.70 20.10
C ILE B 29 25.40 -17.50 21.19
N TRP B 30 24.59 -16.80 21.98
CA TRP B 30 23.71 -17.41 22.95
C TRP B 30 22.29 -17.41 22.40
N LEU B 31 21.56 -18.49 22.66
CA LEU B 31 20.22 -18.69 22.13
C LEU B 31 19.26 -19.07 23.25
N GLY B 32 18.04 -18.58 23.18
CA GLY B 32 16.95 -19.06 24.01
C GLY B 32 16.10 -20.02 23.19
N CYS B 33 15.80 -21.19 23.79
CA CYS B 33 15.10 -22.22 23.07
C CYS B 33 13.59 -22.03 23.19
N GLY B 34 12.90 -22.28 22.08
CA GLY B 34 11.46 -22.13 22.04
C GLY B 34 10.73 -23.43 21.78
N HIS B 35 11.48 -24.51 21.59
CA HIS B 35 10.93 -25.85 21.44
C HIS B 35 10.65 -26.52 22.78
N THR B 36 10.66 -25.76 23.87
CA THR B 36 10.48 -26.31 25.21
C THR B 36 9.74 -25.30 26.06
N ASP B 37 9.00 -25.81 27.04
CA ASP B 37 8.23 -24.96 27.94
C ASP B 37 9.04 -24.46 29.13
N ARG B 38 10.22 -25.01 29.37
CA ARG B 38 11.11 -24.53 30.41
C ARG B 38 12.20 -23.66 29.79
N GLY B 39 13.05 -23.09 30.65
CA GLY B 39 14.07 -22.18 30.17
C GLY B 39 15.37 -22.85 29.79
N GLN B 40 15.57 -23.05 28.49
CA GLN B 40 16.74 -23.71 27.96
C GLN B 40 17.62 -22.69 27.23
N LEU B 41 18.88 -22.58 27.68
CA LEU B 41 19.87 -21.67 27.12
C LEU B 41 20.90 -22.47 26.33
N SER B 42 21.14 -22.04 25.09
CA SER B 42 22.01 -22.74 24.16
C SER B 42 23.19 -21.85 23.76
N PHE B 43 24.27 -22.51 23.35
CA PHE B 43 25.50 -21.83 22.99
C PHE B 43 25.99 -22.38 21.66
N LEU B 44 26.23 -21.50 20.69
CA LEU B 44 26.66 -21.90 19.36
C LEU B 44 27.99 -21.23 19.03
N ASP B 45 29.02 -22.04 18.81
CA ASP B 45 30.32 -21.56 18.36
C ASP B 45 30.24 -21.32 16.86
N LEU B 46 30.29 -20.05 16.46
CA LEU B 46 30.18 -19.71 15.01
C LEU B 46 31.34 -20.29 14.21
N ASN B 47 32.46 -20.59 14.86
CA ASN B 47 33.60 -21.12 14.11
C ASN B 47 33.47 -22.62 13.88
N THR B 48 33.30 -23.39 14.96
CA THR B 48 33.24 -24.84 14.89
C THR B 48 31.82 -25.36 14.66
N GLU B 49 30.81 -24.49 14.67
CA GLU B 49 29.41 -24.88 14.53
C GLU B 49 28.99 -25.88 15.61
N GLY B 50 29.62 -25.79 16.78
CA GLY B 50 29.26 -26.64 17.91
C GLY B 50 28.09 -26.06 18.68
N TYR B 51 27.21 -26.95 19.15
CA TYR B 51 25.97 -26.56 19.81
C TYR B 51 25.86 -27.28 21.15
N THR B 52 25.74 -26.51 22.23
CA THR B 52 25.51 -27.05 23.56
C THR B 52 24.37 -26.28 24.21
N SER B 53 23.62 -26.97 25.06
CA SER B 53 22.47 -26.36 25.72
C SER B 53 22.40 -26.84 27.16
N GLU B 54 21.58 -26.15 27.95
CA GLU B 54 21.38 -26.49 29.35
C GLU B 54 20.08 -25.88 29.84
N GLU B 55 19.28 -26.67 30.54
CA GLU B 55 18.08 -26.15 31.17
C GLU B 55 18.45 -25.28 32.36
N VAL B 56 18.14 -24.00 32.29
CA VAL B 56 18.53 -23.06 33.33
C VAL B 56 17.36 -22.43 34.06
N ALA B 57 16.16 -22.41 33.48
CA ALA B 57 15.03 -21.74 34.11
C ALA B 57 13.80 -22.63 34.06
N ASP B 58 12.77 -22.21 34.79
CA ASP B 58 11.53 -22.99 34.85
C ASP B 58 10.58 -22.66 33.71
N SER B 59 10.66 -21.45 33.14
CA SER B 59 9.78 -21.03 32.08
C SER B 59 10.59 -20.59 30.86
N ARG B 60 9.94 -20.60 29.70
CA ARG B 60 10.63 -20.38 28.44
C ARG B 60 11.37 -19.04 28.45
N ILE B 61 12.57 -19.04 27.87
CA ILE B 61 13.38 -17.82 27.78
C ILE B 61 12.91 -17.01 26.59
N LEU B 62 12.41 -15.80 26.85
CA LEU B 62 11.83 -14.96 25.81
C LEU B 62 12.88 -14.14 25.06
N CYS B 63 13.71 -13.40 25.81
CA CYS B 63 14.75 -12.57 25.22
C CYS B 63 16.04 -12.74 26.02
N LEU B 64 17.15 -12.26 25.44
CA LEU B 64 18.47 -12.31 26.07
C LEU B 64 19.17 -10.96 25.98
N ALA B 65 20.09 -10.74 26.91
CA ALA B 65 20.93 -9.56 26.90
C ALA B 65 22.30 -9.95 27.43
N LEU B 66 23.33 -9.20 27.04
CA LEU B 66 24.69 -9.47 27.45
C LEU B 66 25.24 -8.22 28.15
N VAL B 67 25.33 -8.27 29.47
CA VAL B 67 25.83 -7.15 30.26
C VAL B 67 27.32 -7.36 30.52
N HIS B 68 28.15 -6.49 29.95
CA HIS B 68 29.59 -6.58 30.08
C HIS B 68 30.09 -5.48 31.00
N LEU B 69 30.88 -5.85 32.00
CA LEU B 69 31.54 -4.90 32.90
C LEU B 69 33.02 -4.87 32.56
N PRO B 70 33.50 -3.80 31.93
CA PRO B 70 34.95 -3.72 31.64
C PRO B 70 35.80 -3.70 32.89
N VAL B 71 35.50 -2.78 33.82
CA VAL B 71 36.03 -2.92 35.16
C VAL B 71 35.42 -4.16 35.79
N GLU B 72 36.21 -4.83 36.63
CA GLU B 72 35.87 -6.11 37.24
C GLU B 72 35.96 -7.24 36.22
N LYS B 73 36.13 -6.89 34.94
CA LYS B 73 36.36 -7.85 33.86
C LYS B 73 35.36 -9.01 33.90
N GLU B 74 34.08 -8.70 33.72
CA GLU B 74 33.10 -9.78 33.86
C GLU B 74 31.92 -9.60 32.91
N SER B 75 31.59 -10.68 32.20
CA SER B 75 30.45 -10.69 31.29
C SER B 75 29.37 -11.59 31.85
N TRP B 76 28.15 -11.08 31.91
CA TRP B 76 26.99 -11.81 32.39
C TRP B 76 25.96 -11.91 31.28
N ILE B 77 25.35 -13.08 31.16
CA ILE B 77 24.27 -13.31 30.21
C ILE B 77 22.97 -13.28 31.00
N VAL B 78 22.03 -12.43 30.58
CA VAL B 78 20.77 -12.23 31.27
C VAL B 78 19.65 -12.81 30.41
N SER B 79 18.84 -13.67 31.02
CA SER B 79 17.72 -14.31 30.35
C SER B 79 16.42 -13.85 31.00
N GLY B 80 15.49 -13.36 30.19
CA GLY B 80 14.15 -13.03 30.65
C GLY B 80 13.19 -14.15 30.25
N THR B 81 12.33 -14.54 31.18
CA THR B 81 11.53 -15.74 31.01
C THR B 81 10.04 -15.40 30.97
N GLN B 82 9.25 -16.45 30.70
CA GLN B 82 7.80 -16.31 30.59
C GLN B 82 7.15 -16.07 31.94
N SER B 83 7.81 -16.43 33.03
CA SER B 83 7.28 -16.20 34.37
C SER B 83 7.66 -14.83 34.93
N GLY B 84 8.52 -14.09 34.25
CA GLY B 84 9.01 -12.83 34.76
C GLY B 84 10.36 -12.90 35.44
N THR B 85 11.03 -14.05 35.39
CA THR B 85 12.31 -14.23 36.06
C THR B 85 13.44 -13.64 35.22
N LEU B 86 14.36 -12.95 35.88
CA LEU B 86 15.57 -12.43 35.25
C LEU B 86 16.74 -13.24 35.79
N LEU B 87 17.20 -14.22 35.00
CA LEU B 87 18.28 -15.11 35.41
C LEU B 87 19.60 -14.60 34.85
N VAL B 88 20.56 -14.33 35.74
CA VAL B 88 21.87 -13.81 35.37
C VAL B 88 22.90 -14.92 35.59
N ILE B 89 23.67 -15.21 34.54
CA ILE B 89 24.65 -16.30 34.57
C ILE B 89 26.00 -15.76 34.13
N ASN B 90 27.06 -16.20 34.79
CA ASN B 90 28.40 -15.78 34.41
C ASN B 90 28.86 -16.52 33.16
N THR B 91 29.55 -15.79 32.28
CA THR B 91 29.98 -16.38 31.02
C THR B 91 31.12 -17.36 31.22
N GLU B 92 32.06 -17.05 32.11
CA GLU B 92 33.23 -17.92 32.28
C GLU B 92 32.92 -19.09 33.20
N ASP B 93 32.27 -18.84 34.33
CA ASP B 93 31.96 -19.87 35.32
C ASP B 93 30.45 -19.99 35.43
N GLY B 94 29.89 -21.04 34.82
CA GLY B 94 28.45 -21.25 34.86
C GLY B 94 27.90 -21.49 36.25
N LYS B 95 28.76 -21.85 37.21
CA LYS B 95 28.30 -22.04 38.58
C LYS B 95 27.97 -20.73 39.28
N LYS B 96 28.34 -19.60 38.70
CA LYS B 96 27.99 -18.27 39.23
C LYS B 96 26.72 -17.81 38.53
N ARG B 97 25.58 -17.97 39.21
CA ARG B 97 24.31 -17.55 38.64
C ARG B 97 23.38 -17.12 39.77
N HIS B 98 22.50 -16.17 39.46
CA HIS B 98 21.55 -15.68 40.45
C HIS B 98 20.34 -15.11 39.71
N THR B 99 19.43 -14.49 40.47
CA THR B 99 18.18 -14.00 39.93
C THR B 99 17.92 -12.59 40.44
N LEU B 100 17.52 -11.70 39.54
CA LEU B 100 17.15 -10.34 39.92
C LEU B 100 15.72 -10.35 40.46
N GLU B 101 15.15 -9.16 40.64
CA GLU B 101 13.79 -9.08 41.16
C GLU B 101 12.80 -9.62 40.13
N LYS B 102 11.89 -10.48 40.59
CA LYS B 102 10.88 -11.06 39.72
C LYS B 102 9.98 -9.98 39.15
N MET B 103 9.72 -10.07 37.85
CA MET B 103 8.78 -9.15 37.21
C MET B 103 7.35 -9.62 37.40
N THR B 104 6.43 -8.67 37.40
CA THR B 104 5.02 -8.99 37.59
C THR B 104 4.43 -9.73 36.39
N ASP B 105 5.09 -9.69 35.24
CA ASP B 105 4.65 -10.41 34.06
C ASP B 105 5.88 -10.87 33.29
N SER B 106 5.63 -11.55 32.16
CA SER B 106 6.73 -12.11 31.38
C SER B 106 7.64 -11.02 30.81
N VAL B 107 8.94 -11.30 30.81
CA VAL B 107 9.94 -10.38 30.27
C VAL B 107 9.94 -10.53 28.75
N THR B 108 9.56 -9.46 28.05
CA THR B 108 9.44 -9.51 26.60
C THR B 108 10.49 -8.67 25.87
N CYS B 109 11.38 -7.99 26.60
CA CYS B 109 12.42 -7.21 25.94
C CYS B 109 13.59 -6.99 26.88
N LEU B 110 14.80 -7.16 26.36
CA LEU B 110 16.03 -6.93 27.10
C LEU B 110 16.96 -6.08 26.24
N TYR B 111 17.40 -4.95 26.76
CA TYR B 111 18.29 -4.06 26.01
C TYR B 111 19.38 -3.53 26.92
N CYS B 112 20.56 -3.29 26.36
CA CYS B 112 21.69 -2.71 27.08
C CYS B 112 21.93 -1.31 26.55
N ASN B 113 21.68 -0.30 27.38
CA ASN B 113 21.81 1.09 26.99
C ASN B 113 23.00 1.72 27.71
N SER B 114 23.41 2.88 27.20
CA SER B 114 24.49 3.65 27.82
C SER B 114 24.12 5.13 27.80
N PHE B 115 24.38 5.81 28.91
CA PHE B 115 24.13 7.24 29.02
C PHE B 115 25.37 7.97 29.51
N GLN B 121 29.65 8.32 31.46
CA GLN B 121 28.78 7.36 30.80
C GLN B 121 28.38 6.24 31.75
N LYS B 122 27.08 5.99 31.86
CA LYS B 122 26.54 4.94 32.71
C LYS B 122 25.77 3.93 31.86
N ASN B 123 25.98 2.66 32.15
CA ASN B 123 25.32 1.58 31.42
C ASN B 123 24.13 1.06 32.21
N PHE B 124 23.11 0.63 31.49
CA PHE B 124 21.85 0.18 32.09
C PHE B 124 21.29 -1.01 31.34
N LEU B 125 20.48 -1.78 32.03
CA LEU B 125 19.74 -2.90 31.47
C LEU B 125 18.26 -2.56 31.54
N LEU B 126 17.65 -2.35 30.37
CA LEU B 126 16.23 -2.06 30.26
C LEU B 126 15.47 -3.36 30.02
N VAL B 127 14.40 -3.57 30.79
CA VAL B 127 13.66 -4.82 30.84
C VAL B 127 12.20 -4.47 30.59
N GLY B 128 11.72 -4.75 29.38
CA GLY B 128 10.32 -4.53 29.05
C GLY B 128 9.51 -5.79 29.27
N THR B 129 8.38 -5.64 29.97
CA THR B 129 7.53 -6.75 30.35
C THR B 129 6.25 -6.74 29.53
N ALA B 130 5.48 -7.83 29.65
CA ALA B 130 4.26 -8.01 28.88
C ALA B 130 3.07 -7.21 29.42
N ASP B 131 3.18 -6.64 30.62
CA ASP B 131 2.14 -5.80 31.16
C ASP B 131 2.43 -4.31 30.96
N GLY B 132 3.22 -3.98 29.93
CA GLY B 132 3.44 -2.59 29.57
C GLY B 132 4.33 -1.83 30.52
N LYS B 133 5.26 -2.51 31.20
CA LYS B 133 6.15 -1.86 32.14
C LYS B 133 7.60 -2.01 31.70
N LEU B 134 8.41 -1.03 32.09
CA LEU B 134 9.82 -0.98 31.70
C LEU B 134 10.66 -0.74 32.95
N ALA B 135 11.38 -1.78 33.38
CA ALA B 135 12.25 -1.71 34.55
C ALA B 135 13.68 -1.39 34.11
N ILE B 136 14.37 -0.60 34.93
CA ILE B 136 15.72 -0.14 34.62
C ILE B 136 16.64 -0.63 35.72
N PHE B 137 17.70 -1.35 35.34
CA PHE B 137 18.72 -1.81 36.26
C PHE B 137 20.04 -1.14 35.92
N GLU B 138 20.84 -0.84 36.94
CA GLU B 138 22.13 -0.24 36.69
C GLU B 138 23.15 -1.32 36.31
N ASP B 139 24.25 -0.88 35.70
CA ASP B 139 25.25 -1.82 35.19
C ASP B 139 25.77 -2.73 36.28
N LYS B 140 26.16 -2.16 37.43
CA LYS B 140 26.70 -2.96 38.52
C LYS B 140 25.63 -3.80 39.19
N THR B 141 24.41 -3.26 39.33
CA THR B 141 23.35 -3.91 40.07
C THR B 141 22.99 -5.28 39.52
N VAL B 142 23.39 -5.57 38.28
CA VAL B 142 23.08 -6.87 37.70
C VAL B 142 23.78 -7.99 38.45
N LYS B 143 24.91 -7.70 39.09
CA LYS B 143 25.67 -8.74 39.78
C LYS B 143 25.03 -9.20 41.08
N LEU B 144 24.06 -8.45 41.61
CA LEU B 144 23.55 -8.67 42.96
C LEU B 144 22.31 -9.57 42.92
N LYS B 145 22.31 -10.60 43.75
CA LYS B 145 21.15 -11.48 43.86
C LYS B 145 19.95 -10.72 44.41
N GLY B 146 18.79 -10.96 43.81
CA GLY B 146 17.58 -10.29 44.24
C GLY B 146 17.59 -8.80 44.04
N ALA B 147 18.41 -8.30 43.12
CA ALA B 147 18.54 -6.86 42.94
C ALA B 147 17.24 -6.25 42.42
N ALA B 148 16.91 -5.06 42.93
CA ALA B 148 15.73 -4.31 42.56
C ALA B 148 16.07 -3.28 41.48
N PRO B 149 15.13 -3.01 40.57
CA PRO B 149 15.39 -2.02 39.52
C PRO B 149 15.46 -0.61 40.08
N LEU B 150 16.21 0.25 39.39
CA LEU B 150 16.28 1.65 39.79
C LEU B 150 14.94 2.34 39.63
N LYS B 151 14.20 2.01 38.58
CA LYS B 151 12.91 2.63 38.32
C LYS B 151 12.07 1.69 37.48
N ILE B 152 10.75 1.83 37.59
CA ILE B 152 9.81 1.07 36.78
C ILE B 152 8.81 2.06 36.18
N LEU B 153 8.78 2.12 34.86
CA LEU B 153 7.87 2.98 34.12
C LEU B 153 6.64 2.17 33.73
N ASN B 154 5.46 2.62 34.15
CA ASN B 154 4.21 1.97 33.77
C ASN B 154 3.70 2.64 32.50
N ILE B 155 4.14 2.14 31.35
CA ILE B 155 3.81 2.75 30.08
C ILE B 155 2.48 2.26 29.53
N GLY B 156 2.16 0.99 29.75
CA GLY B 156 0.94 0.41 29.23
C GLY B 156 0.25 -0.43 30.29
N ASN B 157 -0.43 -1.48 29.82
CA ASN B 157 -1.23 -2.35 30.65
C ASN B 157 -0.98 -3.79 30.23
N VAL B 158 -1.77 -4.72 30.80
CA VAL B 158 -1.61 -6.13 30.51
C VAL B 158 -1.87 -6.44 29.04
N SER B 159 -2.64 -5.62 28.35
CA SER B 159 -2.97 -5.85 26.95
C SER B 159 -2.00 -5.19 25.98
N THR B 160 -1.02 -4.43 26.47
CA THR B 160 -0.05 -3.74 25.62
C THR B 160 1.35 -4.20 25.98
N PRO B 161 1.87 -5.24 25.33
CA PRO B 161 3.22 -5.73 25.66
C PRO B 161 4.29 -4.80 25.11
N LEU B 162 5.28 -4.54 25.96
CA LEU B 162 6.44 -3.74 25.57
C LEU B 162 7.47 -4.68 24.96
N MET B 163 7.63 -4.59 23.63
CA MET B 163 8.31 -5.64 22.89
C MET B 163 9.58 -5.22 22.15
N CYS B 164 9.87 -3.93 22.05
CA CYS B 164 11.07 -3.54 21.32
C CYS B 164 11.60 -2.21 21.85
N LEU B 165 12.93 -2.10 21.88
CA LEU B 165 13.65 -0.90 22.25
C LEU B 165 14.78 -0.67 21.25
N SER B 166 15.07 0.59 20.97
CA SER B 166 16.13 0.97 20.05
C SER B 166 16.72 2.31 20.48
N GLU B 167 17.92 2.58 19.98
CA GLU B 167 18.64 3.80 20.33
C GLU B 167 19.03 4.60 19.10
N VAL B 176 19.10 9.29 23.33
CA VAL B 176 17.68 9.07 23.59
C VAL B 176 17.26 7.66 23.17
N MET B 177 16.28 7.12 23.87
CA MET B 177 15.79 5.77 23.64
C MET B 177 14.35 5.81 23.12
N TRP B 178 14.08 5.04 22.06
CA TRP B 178 12.75 4.86 21.54
C TRP B 178 12.30 3.43 21.79
N GLY B 179 10.99 3.24 21.93
CA GLY B 179 10.46 1.93 22.22
C GLY B 179 9.02 1.78 21.77
N GLY B 180 8.61 0.52 21.64
CA GLY B 180 7.25 0.23 21.23
C GLY B 180 6.45 -0.49 22.28
N CYS B 181 5.30 0.07 22.64
CA CYS B 181 4.39 -0.55 23.61
C CYS B 181 2.98 -0.53 23.01
N GLY B 182 2.48 -1.71 22.67
CA GLY B 182 1.20 -1.80 22.01
C GLY B 182 1.25 -1.10 20.67
N THR B 183 0.37 -0.13 20.48
CA THR B 183 0.35 0.71 19.28
C THR B 183 0.97 2.07 19.52
N LYS B 184 1.76 2.22 20.59
CA LYS B 184 2.35 3.50 20.96
C LYS B 184 3.87 3.44 20.84
N ILE B 185 4.44 4.55 20.34
CA ILE B 185 5.88 4.74 20.31
C ILE B 185 6.23 5.72 21.43
N PHE B 186 7.10 5.28 22.34
CA PHE B 186 7.50 6.12 23.47
C PHE B 186 8.99 6.43 23.38
N SER B 187 9.38 7.52 24.05
CA SER B 187 10.76 7.98 24.06
C SER B 187 11.14 8.38 25.48
N PHE B 188 12.41 8.16 25.82
CA PHE B 188 12.87 8.57 27.14
C PHE B 188 14.37 8.82 27.11
N SER B 189 14.82 9.61 28.08
CA SER B 189 16.19 10.11 28.13
C SER B 189 16.75 9.84 29.52
N ASN B 190 17.89 10.48 29.82
CA ASN B 190 18.63 10.29 31.06
C ASN B 190 17.75 10.13 32.30
N ASP B 191 16.83 11.07 32.54
CA ASP B 191 16.01 11.04 33.75
C ASP B 191 14.95 9.94 33.72
N PHE B 192 14.85 9.20 32.62
CA PHE B 192 13.95 8.06 32.51
C PHE B 192 12.48 8.46 32.60
N THR B 193 12.16 9.69 32.21
CA THR B 193 10.78 10.14 32.11
C THR B 193 10.33 10.07 30.66
N ILE B 194 9.10 9.59 30.45
CA ILE B 194 8.55 9.45 29.11
C ILE B 194 8.30 10.85 28.54
N GLN B 195 9.07 11.23 27.53
CA GLN B 195 8.92 12.55 26.92
C GLN B 195 7.91 12.52 25.76
N LYS B 196 8.15 11.65 24.78
CA LYS B 196 7.28 11.55 23.61
C LYS B 196 6.43 10.30 23.69
N LEU B 197 5.16 10.43 23.34
CA LEU B 197 4.21 9.32 23.32
C LEU B 197 3.32 9.50 22.10
N ILE B 198 3.47 8.63 21.10
CA ILE B 198 2.84 8.79 19.80
C ILE B 198 1.93 7.60 19.57
N GLU B 199 0.65 7.88 19.27
CA GLU B 199 -0.32 6.83 18.98
C GLU B 199 -0.33 6.55 17.49
N THR B 200 -0.04 5.31 17.11
CA THR B 200 0.06 4.91 15.72
C THR B 200 -1.15 4.12 15.24
N ARG B 201 -2.18 4.00 16.08
CA ARG B 201 -3.35 3.20 15.69
C ARG B 201 -4.15 3.88 14.58
N THR B 202 -4.09 5.21 14.49
CA THR B 202 -4.95 5.95 13.59
C THR B 202 -4.13 6.91 12.74
N SER B 203 -4.43 6.92 11.44
CA SER B 203 -3.90 7.90 10.50
C SER B 203 -4.71 7.87 9.22
N GLN B 204 -5.14 9.03 8.74
CA GLN B 204 -5.99 9.09 7.55
C GLN B 204 -5.28 8.58 6.31
N LEU B 205 -3.95 8.73 6.26
CA LEU B 205 -3.17 8.34 5.09
C LEU B 205 -2.83 6.85 5.07
N PHE B 206 -3.33 6.07 6.01
CA PHE B 206 -3.07 4.63 6.04
C PHE B 206 -3.60 3.97 4.77
N SER B 207 -2.70 3.30 4.06
CA SER B 207 -3.11 2.51 2.90
C SER B 207 -4.14 1.45 3.29
N TYR B 208 -4.07 0.95 4.52
CA TYR B 208 -5.02 -0.02 5.04
C TYR B 208 -5.06 0.12 6.54
N ALA B 209 -6.27 0.13 7.11
CA ALA B 209 -6.43 0.45 8.52
C ALA B 209 -6.23 -0.75 9.44
N ALA B 210 -6.59 -1.95 8.99
CA ALA B 210 -6.50 -3.11 9.88
C ALA B 210 -5.05 -3.45 10.22
N PHE B 211 -4.11 -3.12 9.33
CA PHE B 211 -2.70 -3.42 9.61
C PHE B 211 -2.17 -2.55 10.75
N SER B 212 -2.58 -1.29 10.80
CA SER B 212 -2.06 -0.36 11.79
C SER B 212 -2.61 -0.59 13.19
N ASP B 213 -3.69 -1.36 13.33
CA ASP B 213 -4.23 -1.67 14.65
C ASP B 213 -3.63 -2.96 15.21
N SER B 214 -2.30 -3.02 15.25
CA SER B 214 -1.58 -4.17 15.76
C SER B 214 -0.42 -3.70 16.61
N ASN B 215 0.05 -4.59 17.48
CA ASN B 215 1.16 -4.25 18.35
C ASN B 215 2.45 -4.07 17.55
N ILE B 216 3.23 -3.05 17.93
CA ILE B 216 4.51 -2.81 17.28
C ILE B 216 5.50 -3.87 17.70
N ILE B 217 6.15 -4.50 16.72
CA ILE B 217 7.04 -5.62 16.99
C ILE B 217 8.50 -5.17 16.92
N THR B 218 8.80 -4.15 16.12
CA THR B 218 10.18 -3.69 16.01
C THR B 218 10.20 -2.21 15.67
N VAL B 219 11.24 -1.53 16.15
CA VAL B 219 11.46 -0.10 15.90
C VAL B 219 12.93 0.09 15.59
N VAL B 220 13.24 0.75 14.48
CA VAL B 220 14.60 1.14 14.12
C VAL B 220 14.63 2.66 14.02
N VAL B 221 15.66 3.27 14.59
CA VAL B 221 15.72 4.72 14.76
C VAL B 221 16.76 5.30 13.80
N ASP B 222 16.31 6.19 12.95
CA ASP B 222 17.14 6.95 12.01
C ASP B 222 16.56 8.35 12.00
N THR B 223 16.88 9.13 10.96
CA THR B 223 16.28 10.45 10.75
C THR B 223 14.79 10.44 11.10
N ALA B 224 14.06 9.41 10.66
CA ALA B 224 12.69 9.19 11.07
C ALA B 224 12.59 7.86 11.82
N LEU B 225 11.38 7.53 12.27
CA LEU B 225 11.12 6.28 12.98
C LEU B 225 10.46 5.29 12.02
N TYR B 226 11.08 4.13 11.86
CA TYR B 226 10.56 3.06 11.00
C TYR B 226 10.06 1.94 11.90
N ILE B 227 8.75 1.70 11.90
CA ILE B 227 8.14 0.72 12.77
C ILE B 227 7.42 -0.33 11.93
N ALA B 228 7.31 -1.53 12.49
CA ALA B 228 6.55 -2.62 11.90
C ALA B 228 5.61 -3.20 12.95
N LYS B 229 4.47 -3.70 12.50
CA LYS B 229 3.44 -4.21 13.40
C LYS B 229 3.18 -5.69 13.13
N GLN B 230 2.60 -6.34 14.12
CA GLN B 230 2.36 -7.77 14.04
C GLN B 230 1.38 -8.09 12.92
N ASN B 231 1.75 -9.06 12.08
CA ASN B 231 0.92 -9.49 10.94
C ASN B 231 0.57 -8.30 10.05
N SER B 232 1.58 -7.49 9.74
CA SER B 232 1.40 -6.32 8.90
C SER B 232 2.53 -6.23 7.88
N PRO B 233 2.20 -6.12 6.59
CA PRO B 233 3.25 -5.96 5.56
C PRO B 233 3.66 -4.52 5.31
N VAL B 234 3.22 -3.57 6.13
CA VAL B 234 3.45 -2.16 5.89
C VAL B 234 4.38 -1.63 6.98
N VAL B 235 5.56 -1.17 6.57
CA VAL B 235 6.46 -0.47 7.48
C VAL B 235 6.05 0.99 7.52
N GLU B 236 5.66 1.46 8.70
CA GLU B 236 5.24 2.85 8.86
C GLU B 236 6.44 3.72 9.21
N VAL B 237 6.42 4.96 8.72
CA VAL B 237 7.50 5.92 8.95
C VAL B 237 6.87 7.14 9.59
N TRP B 238 7.24 7.41 10.84
CA TRP B 238 6.72 8.52 11.62
C TRP B 238 7.82 9.53 11.91
N ASP B 239 7.42 10.77 12.16
CA ASP B 239 8.35 11.85 12.43
C ASP B 239 8.54 12.03 13.93
N LYS B 240 9.79 12.32 14.33
CA LYS B 240 10.06 12.54 15.73
C LYS B 240 9.43 13.84 16.23
N LYS B 241 9.53 14.91 15.43
CA LYS B 241 9.05 16.22 15.86
C LYS B 241 7.54 16.33 15.72
N THR B 242 7.02 16.20 14.50
CA THR B 242 5.60 16.41 14.27
C THR B 242 4.74 15.26 14.79
N GLU B 243 5.33 14.11 15.08
CA GLU B 243 4.61 12.95 15.60
C GLU B 243 3.47 12.54 14.68
N LYS B 244 3.71 12.65 13.37
CA LYS B 244 2.74 12.28 12.36
C LYS B 244 3.38 11.32 11.36
N LEU B 245 2.55 10.77 10.49
CA LEU B 245 3.01 9.80 9.50
C LEU B 245 3.89 10.48 8.47
N CYS B 246 5.15 10.06 8.38
CA CYS B 246 6.01 10.51 7.30
C CYS B 246 5.77 9.74 6.01
N GLY B 247 5.64 8.42 6.11
CA GLY B 247 5.50 7.63 4.90
C GLY B 247 5.15 6.20 5.19
N LEU B 248 4.99 5.44 4.10
CA LEU B 248 4.60 4.04 4.16
C LEU B 248 5.45 3.24 3.18
N ILE B 249 5.90 2.07 3.61
CA ILE B 249 6.64 1.15 2.75
C ILE B 249 5.84 -0.16 2.71
N ASP B 250 5.21 -0.43 1.57
CA ASP B 250 4.37 -1.61 1.40
C ASP B 250 5.22 -2.72 0.79
N CYS B 251 5.60 -3.69 1.63
CA CYS B 251 6.49 -4.75 1.16
C CYS B 251 5.85 -5.63 0.12
N VAL B 252 4.51 -5.71 0.11
CA VAL B 252 3.83 -6.51 -0.91
C VAL B 252 4.11 -5.97 -2.30
N HIS B 253 4.09 -4.64 -2.45
CA HIS B 253 4.32 -4.05 -3.76
C HIS B 253 5.78 -4.12 -4.17
N PHE B 254 6.71 -4.02 -3.20
CA PHE B 254 8.13 -4.16 -3.52
C PHE B 254 8.45 -5.59 -3.92
N LEU B 255 7.81 -6.57 -3.28
CA LEU B 255 8.06 -7.96 -3.62
C LEU B 255 7.47 -8.33 -4.98
N ARG B 256 6.36 -7.71 -5.37
CA ARG B 256 5.70 -8.02 -6.63
C ARG B 256 6.39 -7.41 -7.83
N GLU B 257 7.54 -6.79 -7.66
CA GLU B 257 8.28 -6.21 -8.78
C GLU B 257 9.77 -6.48 -8.65
N MET B 270 3.72 -13.82 -6.72
CA MET B 270 2.83 -12.67 -6.63
C MET B 270 1.86 -12.88 -5.45
N SER B 271 1.84 -14.09 -4.90
CA SER B 271 0.99 -14.43 -3.77
C SER B 271 1.67 -14.21 -2.43
N TYR B 272 2.67 -13.33 -2.37
CA TYR B 272 3.42 -13.13 -1.14
C TYR B 272 2.60 -12.34 -0.12
N SER B 273 2.64 -12.81 1.14
CA SER B 273 1.97 -12.08 2.21
C SER B 273 2.71 -10.79 2.56
N GLY B 274 4.04 -10.80 2.46
CA GLY B 274 4.84 -9.63 2.77
C GLY B 274 4.86 -9.23 4.22
N ARG B 275 4.35 -10.09 5.12
CA ARG B 275 4.32 -9.77 6.54
C ARG B 275 5.72 -9.54 7.07
N VAL B 276 5.95 -8.34 7.61
CA VAL B 276 7.27 -7.99 8.12
C VAL B 276 7.50 -8.71 9.45
N LYS B 277 8.65 -9.38 9.55
CA LYS B 277 9.04 -10.08 10.77
C LYS B 277 10.20 -9.41 11.50
N THR B 278 11.04 -8.66 10.80
CA THR B 278 12.21 -8.05 11.42
C THR B 278 12.71 -6.90 10.57
N LEU B 279 13.25 -5.89 11.24
CA LEU B 279 13.89 -4.75 10.59
C LEU B 279 15.32 -4.62 11.10
N CYS B 280 16.24 -4.32 10.18
CA CYS B 280 17.64 -4.14 10.52
C CYS B 280 18.22 -3.04 9.66
N LEU B 281 19.01 -2.16 10.29
CA LEU B 281 19.58 -1.00 9.64
C LEU B 281 21.04 -1.28 9.30
N GLN B 282 21.44 -0.86 8.10
CA GLN B 282 22.84 -0.84 7.72
C GLN B 282 23.36 0.59 7.88
N LYS B 283 24.67 0.76 7.66
CA LYS B 283 25.43 1.84 8.30
C LYS B 283 24.67 3.14 8.45
N ASN B 284 24.28 3.76 7.35
CA ASN B 284 23.44 4.95 7.47
C ASN B 284 22.23 4.93 6.55
N THR B 285 22.38 4.41 5.33
CA THR B 285 21.37 4.56 4.29
C THR B 285 20.48 3.35 4.11
N ALA B 286 20.99 2.15 4.33
CA ALA B 286 20.30 0.93 3.95
C ALA B 286 19.50 0.36 5.12
N LEU B 287 18.33 -0.20 4.80
CA LEU B 287 17.44 -0.86 5.75
C LEU B 287 17.13 -2.25 5.24
N TRP B 288 17.37 -3.25 6.08
CA TRP B 288 17.02 -4.62 5.77
C TRP B 288 15.64 -4.96 6.33
N ILE B 289 14.85 -5.66 5.53
CA ILE B 289 13.50 -6.07 5.92
C ILE B 289 13.37 -7.56 5.67
N GLY B 290 13.18 -8.31 6.75
CA GLY B 290 12.85 -9.73 6.64
C GLY B 290 11.34 -9.88 6.65
N THR B 291 10.83 -10.65 5.70
CA THR B 291 9.40 -10.85 5.57
C THR B 291 8.99 -12.19 6.18
N GLY B 292 7.67 -12.41 6.20
CA GLY B 292 7.14 -13.66 6.70
C GLY B 292 7.64 -14.87 5.92
N GLY B 293 7.84 -14.71 4.63
CA GLY B 293 8.48 -15.72 3.82
C GLY B 293 9.98 -15.67 4.01
N GLY B 294 10.69 -16.20 3.02
CA GLY B 294 12.14 -16.18 3.07
C GLY B 294 12.73 -15.06 2.24
N HIS B 295 12.00 -13.96 2.12
CA HIS B 295 12.41 -12.85 1.28
C HIS B 295 13.04 -11.76 2.14
N ILE B 296 14.17 -11.24 1.67
CA ILE B 296 14.89 -10.17 2.35
C ILE B 296 15.01 -8.99 1.39
N LEU B 297 14.50 -7.84 1.83
CA LEU B 297 14.60 -6.60 1.06
C LEU B 297 15.69 -5.72 1.66
N LEU B 298 16.33 -4.93 0.81
CA LEU B 298 17.35 -3.97 1.20
C LEU B 298 17.04 -2.66 0.50
N LEU B 299 16.56 -1.68 1.26
CA LEU B 299 16.07 -0.43 0.72
C LEU B 299 16.96 0.75 1.11
N ASP B 300 17.00 1.75 0.25
CA ASP B 300 17.72 2.99 0.52
C ASP B 300 16.78 3.98 1.19
N LEU B 301 17.32 4.77 2.13
CA LEU B 301 16.52 5.65 2.98
C LEU B 301 16.78 7.13 2.71
N SER B 302 17.30 7.48 1.53
CA SER B 302 17.63 8.88 1.27
C SER B 302 16.78 9.49 0.17
N THR B 303 16.80 8.94 -1.05
CA THR B 303 16.05 9.51 -2.16
C THR B 303 15.29 8.49 -3.00
N ARG B 304 15.72 7.23 -3.04
CA ARG B 304 15.02 6.18 -3.76
C ARG B 304 14.63 5.12 -2.73
N ARG B 305 14.10 3.99 -3.21
CA ARG B 305 13.67 2.94 -2.30
C ARG B 305 14.48 1.65 -2.43
N LEU B 306 14.47 0.99 -3.58
CA LEU B 306 14.89 -0.41 -3.64
C LEU B 306 16.34 -0.53 -4.10
N ILE B 307 17.14 -1.24 -3.30
CA ILE B 307 18.53 -1.53 -3.64
C ILE B 307 18.66 -2.99 -4.05
N ARG B 308 18.31 -3.90 -3.14
CA ARG B 308 18.54 -5.32 -3.37
C ARG B 308 17.37 -6.14 -2.85
N VAL B 309 17.14 -7.29 -3.47
CA VAL B 309 16.07 -8.20 -3.06
C VAL B 309 16.55 -9.63 -3.23
N ILE B 310 16.43 -10.42 -2.17
CA ILE B 310 16.77 -11.85 -2.22
C ILE B 310 15.52 -12.64 -1.92
N TYR B 311 15.05 -13.42 -2.90
CA TYR B 311 13.86 -14.24 -2.75
C TYR B 311 14.24 -15.63 -2.23
N ASN B 312 13.37 -16.19 -1.39
CA ASN B 312 13.50 -17.56 -0.89
C ASN B 312 14.86 -17.79 -0.21
N PHE B 313 15.34 -16.76 0.48
CA PHE B 313 16.54 -16.91 1.29
C PHE B 313 16.39 -18.01 2.33
N CYS B 314 15.17 -18.23 2.79
CA CYS B 314 14.81 -19.34 3.67
C CYS B 314 13.30 -19.57 3.49
N ASN B 315 12.69 -20.29 4.44
CA ASN B 315 11.24 -20.38 4.46
C ASN B 315 10.58 -19.27 5.27
N SER B 316 11.27 -18.76 6.29
CA SER B 316 10.73 -17.68 7.10
C SER B 316 11.88 -17.01 7.84
N VAL B 317 12.09 -15.72 7.60
CA VAL B 317 13.09 -14.96 8.33
C VAL B 317 12.52 -14.63 9.70
N ARG B 318 13.26 -15.01 10.76
CA ARG B 318 12.81 -14.78 12.12
C ARG B 318 13.58 -13.66 12.81
N VAL B 319 14.92 -13.68 12.75
CA VAL B 319 15.72 -12.65 13.40
C VAL B 319 16.76 -12.14 12.41
N MET B 320 17.09 -10.86 12.52
CA MET B 320 18.10 -10.26 11.66
C MET B 320 18.79 -9.16 12.44
N MET B 321 20.11 -9.27 12.62
CA MET B 321 20.79 -8.30 13.47
C MET B 321 22.22 -8.09 12.99
N THR B 322 22.83 -7.03 13.50
CA THR B 322 24.22 -6.69 13.23
C THR B 322 25.05 -6.90 14.49
N ALA B 323 26.26 -7.45 14.31
CA ALA B 323 27.15 -7.73 15.41
C ALA B 323 28.57 -7.32 15.03
N GLN B 324 29.40 -7.10 16.04
CA GLN B 324 30.80 -6.74 15.81
C GLN B 324 31.72 -7.92 16.10
N ASN B 330 29.43 -4.54 11.36
CA ASN B 330 30.57 -5.34 10.90
C ASN B 330 30.10 -6.65 10.27
N VAL B 331 29.24 -7.37 10.99
CA VAL B 331 28.81 -8.70 10.58
C VAL B 331 27.28 -8.75 10.64
N MET B 332 26.67 -9.44 9.67
CA MET B 332 25.23 -9.58 9.58
C MET B 332 24.83 -11.01 9.88
N LEU B 333 23.93 -11.19 10.84
CA LEU B 333 23.40 -12.49 11.25
C LEU B 333 21.91 -12.54 10.92
N VAL B 334 21.48 -13.62 10.24
CA VAL B 334 20.09 -13.81 9.88
C VAL B 334 19.67 -15.21 10.27
N LEU B 335 18.76 -15.31 11.23
CA LEU B 335 18.22 -16.58 11.71
C LEU B 335 16.86 -16.83 11.07
N GLY B 336 16.77 -17.93 10.32
CA GLY B 336 15.52 -18.35 9.73
C GLY B 336 15.22 -19.81 10.09
N TYR B 337 14.06 -20.27 9.63
CA TYR B 337 13.66 -21.65 9.90
C TYR B 337 12.82 -22.18 8.75
N ASN B 338 12.94 -23.48 8.51
CA ASN B 338 12.21 -24.18 7.47
C ASN B 338 11.38 -25.29 8.10
N ARG B 339 10.19 -25.52 7.56
CA ARG B 339 9.31 -26.57 8.07
C ARG B 339 8.38 -27.10 7.00
N GLU B 350 8.39 -31.40 11.72
CA GLU B 350 9.83 -31.19 11.70
C GLU B 350 10.18 -29.73 11.42
N ILE B 351 11.23 -29.24 12.08
CA ILE B 351 11.67 -27.85 11.94
C ILE B 351 13.20 -27.84 11.84
N GLN B 352 13.72 -27.02 10.94
CA GLN B 352 15.16 -26.88 10.75
C GLN B 352 15.51 -25.40 10.81
N SER B 353 16.13 -24.98 11.91
CA SER B 353 16.56 -23.59 12.05
C SER B 353 17.97 -23.43 11.52
N CYS B 354 18.20 -22.34 10.81
CA CYS B 354 19.49 -22.05 10.21
C CYS B 354 19.90 -20.61 10.52
N LEU B 355 21.20 -20.41 10.65
CA LEU B 355 21.77 -19.09 10.91
C LEU B 355 22.76 -18.79 9.79
N THR B 356 22.40 -17.84 8.93
CA THR B 356 23.30 -17.37 7.88
C THR B 356 24.07 -16.17 8.40
N VAL B 357 25.33 -16.08 8.02
CA VAL B 357 26.22 -15.02 8.51
C VAL B 357 27.06 -14.52 7.35
N TRP B 358 27.18 -13.19 7.24
CA TRP B 358 28.13 -12.60 6.29
C TRP B 358 28.65 -11.24 6.75
PT PT C . -15.05 7.24 -23.42
PT PT D . -13.66 10.15 -17.30
PT PT E . -19.82 7.65 -13.04
PT PT F . 20.05 -4.44 13.56
PT PT G . 14.03 -4.71 19.17
PT PT H . 15.53 -11.20 21.52
#